data_5HNH
#
_entry.id   5HNH
#
_cell.length_a   59.666
_cell.length_b   164.402
_cell.length_c   44.033
_cell.angle_alpha   90.00
_cell.angle_beta   90.00
_cell.angle_gamma   90.00
#
_symmetry.space_group_name_H-M   'P 21 21 2'
#
loop_
_entity.id
_entity.type
_entity.pdbx_description
1 polymer 'Restriction endonuclease R.BpuJI'
2 polymer "DNA (5'-D(*GP*(YPY)P*AP*CP*CP*CP*GP*TP*GP*GP*A)-3')"
3 polymer "DNA (5'-D(*TP*CP*CP*AP*CP*GP*GP*GP*T*(YPY)*(YPY)*C)-3')"
4 water water
#
loop_
_entity_poly.entity_id
_entity_poly.type
_entity_poly.pdbx_seq_one_letter_code
_entity_poly.pdbx_strand_id
1 'polypeptide(L)'
;GSHMNYNPEEQFRCTIIRGKAKNMLDNLLPAYANIIDDICPCDKASFVKDFNNRLIEILGEETTKKTLDNHRTEIAGKLF
GMFYEDDEVIFPSGRTNKYIEDSDQPAFFKDICFKFQFPNGMDKLDKVIEKVGAKIQIRQFPYILQVLLTADNNNIQLSK
DDIAYYVLNSLQVLQGKIKPIEVIEKIIEDRSNDITKKVRHPGKETSYSMQHIREQLNYLELANLIRIDGNLVKLNYREA
ENINYIAQFWGNKPEFNAYKYDFTSEDDKKSFFKDWQQYYSNVNSHKS
;
A
2 'polydeoxyribonucleotide' (DG)(YPE)(DA)(DC)(DC)(DC)(DG)(DT)(DG)(DG)(DA) L
3 'polydeoxyribonucleotide' (DT)(DC)(DC)(DA)(DC)(DG)(DG)(DG)(DT)(YPE)(YPE)(DC) M
#
# COMPACT_ATOMS: atom_id res chain seq x y z
N ASN A 5 -24.95 10.35 -8.32
CA ASN A 5 -24.71 9.71 -7.03
C ASN A 5 -23.75 8.53 -7.12
N TYR A 6 -23.25 8.13 -5.96
CA TYR A 6 -22.37 6.97 -5.81
C TYR A 6 -22.88 5.71 -6.49
N ASN A 7 -22.10 5.21 -7.44
CA ASN A 7 -22.42 3.96 -8.09
C ASN A 7 -21.22 3.02 -8.08
N PRO A 8 -21.21 2.08 -7.12
CA PRO A 8 -20.10 1.14 -7.01
C PRO A 8 -20.03 0.13 -8.14
N GLU A 9 -21.04 0.10 -9.01
CA GLU A 9 -21.04 -0.86 -10.12
C GLU A 9 -19.94 -0.54 -11.13
N GLU A 10 -19.45 0.70 -11.11
CA GLU A 10 -18.22 1.03 -11.83
C GLU A 10 -17.04 0.51 -11.02
N GLN A 11 -16.55 -0.65 -11.45
CA GLN A 11 -15.51 -1.39 -10.77
C GLN A 11 -14.19 -1.19 -11.49
N PHE A 12 -13.10 -1.10 -10.74
CA PHE A 12 -11.77 -0.86 -11.31
C PHE A 12 -10.72 -1.57 -10.50
N ARG A 13 -10.01 -2.51 -11.11
CA ARG A 13 -8.93 -3.19 -10.40
C ARG A 13 -7.71 -2.27 -10.26
N CYS A 14 -7.29 -2.02 -9.02
CA CYS A 14 -6.21 -1.09 -8.75
C CYS A 14 -5.23 -1.73 -7.75
N THR A 15 -4.16 -2.33 -8.26
CA THR A 15 -3.34 -3.18 -7.43
C THR A 15 -2.31 -2.44 -6.60
N ILE A 16 -1.80 -3.13 -5.61
CA ILE A 16 -0.51 -2.84 -5.02
C ILE A 16 0.40 -4.04 -5.28
N ILE A 17 1.70 -3.85 -5.12
CA ILE A 17 2.68 -4.92 -5.31
C ILE A 17 2.33 -6.17 -4.50
N ARG A 18 2.60 -7.34 -5.06
CA ARG A 18 2.29 -8.61 -4.40
C ARG A 18 3.34 -8.93 -3.31
N GLY A 19 2.87 -9.32 -2.13
CA GLY A 19 3.77 -9.48 -1.00
C GLY A 19 4.73 -10.64 -1.12
N LYS A 20 5.85 -10.56 -0.40
CA LYS A 20 6.78 -11.69 -0.32
C LYS A 20 7.23 -11.93 1.10
N ALA A 21 6.93 -11.00 2.02
CA ALA A 21 7.54 -11.07 3.34
C ALA A 21 6.57 -11.31 4.51
N LYS A 22 5.29 -11.57 4.23
CA LYS A 22 4.31 -11.71 5.31
C LYS A 22 4.59 -12.93 6.21
N ASN A 23 4.76 -14.10 5.61
CA ASN A 23 4.90 -15.31 6.39
C ASN A 23 6.10 -15.30 7.34
N MET A 24 7.14 -14.58 6.97
CA MET A 24 8.36 -14.54 7.77
C MET A 24 8.76 -13.13 8.14
N LEU A 25 7.78 -12.25 8.30
CA LEU A 25 8.07 -10.82 8.45
C LEU A 25 9.00 -10.53 9.64
N ASP A 26 8.79 -11.24 10.73
CA ASP A 26 9.55 -10.94 11.95
C ASP A 26 11.02 -11.29 11.77
N ASN A 27 11.31 -12.08 10.74
CA ASN A 27 12.69 -12.35 10.33
C ASN A 27 13.15 -11.47 9.16
N LEU A 28 12.29 -11.33 8.16
CA LEU A 28 12.70 -10.67 6.93
C LEU A 28 12.85 -9.15 7.09
N LEU A 29 11.96 -8.51 7.85
CA LEU A 29 12.05 -7.06 7.98
C LEU A 29 13.37 -6.65 8.69
N PRO A 30 13.71 -7.27 9.84
CA PRO A 30 15.04 -6.97 10.36
C PRO A 30 16.18 -7.29 9.38
N ALA A 31 16.02 -8.37 8.60
CA ALA A 31 17.08 -8.73 7.65
C ALA A 31 17.21 -7.68 6.56
N TYR A 32 16.09 -7.29 5.93
CA TYR A 32 16.12 -6.19 4.97
C TYR A 32 16.82 -4.97 5.53
N ALA A 33 16.37 -4.52 6.70
CA ALA A 33 16.89 -3.29 7.29
C ALA A 33 18.37 -3.41 7.64
N ASN A 34 18.76 -4.51 8.28
CA ASN A 34 20.17 -4.71 8.62
C ASN A 34 21.08 -4.84 7.40
N ILE A 35 20.59 -5.52 6.38
CA ILE A 35 21.36 -5.65 5.14
C ILE A 35 21.58 -4.28 4.54
N ILE A 36 20.50 -3.53 4.33
CA ILE A 36 20.60 -2.19 3.75
C ILE A 36 21.49 -1.27 4.62
N ASP A 37 21.24 -1.25 5.91
CA ASP A 37 22.03 -0.42 6.83
C ASP A 37 23.52 -0.75 6.77
N ASP A 38 23.84 -2.05 6.69
CA ASP A 38 25.22 -2.50 6.68
C ASP A 38 25.97 -2.08 5.42
N ILE A 39 25.38 -2.37 4.26
CA ILE A 39 26.12 -2.28 3.01
C ILE A 39 26.03 -0.92 2.33
N CYS A 40 25.04 -0.12 2.70
CA CYS A 40 24.92 1.24 2.18
C CYS A 40 25.65 2.21 3.12
N PRO A 41 26.14 3.34 2.58
CA PRO A 41 26.00 3.77 1.18
C PRO A 41 26.98 3.07 0.26
N CYS A 42 26.54 2.77 -0.97
CA CYS A 42 27.37 2.11 -1.97
C CYS A 42 26.81 2.35 -3.38
N ASP A 43 27.61 2.08 -4.40
CA ASP A 43 27.14 2.17 -5.78
C ASP A 43 26.08 1.12 -6.05
N LYS A 44 25.28 1.33 -7.09
CA LYS A 44 24.16 0.43 -7.41
C LYS A 44 24.68 -0.97 -7.67
N ALA A 45 25.81 -1.05 -8.36
CA ALA A 45 26.43 -2.33 -8.69
C ALA A 45 26.68 -3.20 -7.46
N SER A 46 27.38 -2.63 -6.48
CA SER A 46 27.65 -3.33 -5.22
C SER A 46 26.37 -3.67 -4.45
N PHE A 47 25.41 -2.75 -4.48
CA PHE A 47 24.17 -2.96 -3.76
C PHE A 47 23.50 -4.24 -4.18
N VAL A 48 23.35 -4.40 -5.49
CA VAL A 48 22.67 -5.55 -6.06
C VAL A 48 23.35 -6.85 -5.63
N LYS A 49 24.67 -6.88 -5.75
CA LYS A 49 25.43 -8.08 -5.41
C LYS A 49 25.37 -8.41 -3.92
N ASP A 50 25.73 -7.45 -3.07
CA ASP A 50 25.83 -7.74 -1.64
C ASP A 50 24.45 -7.99 -1.00
N PHE A 51 23.42 -7.27 -1.47
CA PHE A 51 22.08 -7.47 -0.93
C PHE A 51 21.62 -8.90 -1.19
N ASN A 52 21.80 -9.35 -2.43
CA ASN A 52 21.36 -10.69 -2.81
C ASN A 52 22.11 -11.76 -2.03
N ASN A 53 23.42 -11.57 -1.88
CA ASN A 53 24.27 -12.52 -1.20
C ASN A 53 23.93 -12.63 0.29
N ARG A 54 23.47 -11.54 0.88
CA ARG A 54 23.05 -11.56 2.29
C ARG A 54 21.64 -12.14 2.42
N LEU A 55 20.74 -11.76 1.51
CA LEU A 55 19.35 -12.22 1.62
C LEU A 55 19.23 -13.72 1.41
N ILE A 56 20.07 -14.30 0.55
CA ILE A 56 19.95 -15.72 0.25
C ILE A 56 20.23 -16.56 1.50
N GLU A 57 20.90 -15.95 2.48
CA GLU A 57 21.17 -16.62 3.75
C GLU A 57 19.87 -16.84 4.53
N ILE A 58 18.92 -15.93 4.35
CA ILE A 58 17.64 -15.99 5.05
C ILE A 58 16.65 -16.87 4.29
N LEU A 59 16.57 -16.69 2.97
CA LEU A 59 15.57 -17.38 2.16
C LEU A 59 15.91 -18.83 1.82
N GLY A 60 17.20 -19.17 1.82
CA GLY A 60 17.62 -20.52 1.49
C GLY A 60 18.45 -20.57 0.22
N GLU A 61 19.42 -21.46 0.19
CA GLU A 61 20.39 -21.54 -0.90
C GLU A 61 19.78 -21.84 -2.27
N GLU A 62 18.57 -22.39 -2.30
CA GLU A 62 17.96 -22.77 -3.57
C GLU A 62 17.15 -21.63 -4.19
N THR A 63 17.11 -20.50 -3.49
CA THR A 63 16.41 -19.33 -4.00
C THR A 63 17.08 -18.92 -5.31
N THR A 64 16.29 -18.66 -6.35
CA THR A 64 16.88 -18.24 -7.62
C THR A 64 17.32 -16.78 -7.51
N LYS A 65 18.22 -16.37 -8.38
CA LYS A 65 18.58 -14.96 -8.49
C LYS A 65 17.36 -14.08 -8.78
N LYS A 66 16.45 -14.57 -9.61
CA LYS A 66 15.28 -13.79 -9.97
C LYS A 66 14.47 -13.44 -8.71
N THR A 67 14.32 -14.41 -7.82
CA THR A 67 13.57 -14.18 -6.58
C THR A 67 14.28 -13.17 -5.67
N LEU A 68 15.59 -13.31 -5.54
CA LEU A 68 16.37 -12.34 -4.74
C LEU A 68 16.21 -10.94 -5.31
N ASP A 69 16.30 -10.84 -6.64
CA ASP A 69 16.13 -9.56 -7.33
C ASP A 69 14.76 -8.95 -7.07
N ASN A 70 13.73 -9.78 -7.16
CA ASN A 70 12.38 -9.28 -6.94
C ASN A 70 12.16 -8.83 -5.48
N HIS A 71 12.69 -9.60 -4.53
CA HIS A 71 12.65 -9.15 -3.13
C HIS A 71 13.29 -7.76 -3.03
N ARG A 72 14.45 -7.61 -3.65
CA ARG A 72 15.20 -6.36 -3.56
C ARG A 72 14.43 -5.20 -4.17
N THR A 73 13.98 -5.36 -5.42
CA THR A 73 13.33 -4.23 -6.10
C THR A 73 11.88 -4.03 -5.66
N GLU A 74 11.09 -5.10 -5.59
CA GLU A 74 9.64 -4.97 -5.33
C GLU A 74 9.29 -4.68 -3.89
N ILE A 75 10.01 -5.30 -2.96
CA ILE A 75 9.60 -5.26 -1.56
C ILE A 75 10.50 -4.34 -0.73
N ALA A 76 11.79 -4.64 -0.64
CA ALA A 76 12.70 -3.74 0.10
C ALA A 76 12.71 -2.37 -0.57
N GLY A 77 12.67 -2.38 -1.90
CA GLY A 77 12.68 -1.17 -2.70
C GLY A 77 11.37 -0.40 -2.74
N LYS A 78 10.40 -0.90 -3.53
CA LYS A 78 9.18 -0.14 -3.76
C LYS A 78 8.20 -0.19 -2.61
N LEU A 79 7.78 -1.39 -2.24
CA LEU A 79 6.60 -1.52 -1.38
C LEU A 79 6.89 -1.05 0.06
N PHE A 80 8.06 -1.43 0.57
CA PHE A 80 8.40 -1.07 1.95
C PHE A 80 9.22 0.23 2.04
N GLY A 81 9.69 0.71 0.88
CA GLY A 81 10.40 1.98 0.79
C GLY A 81 11.65 2.05 1.66
N MET A 82 12.53 1.06 1.55
CA MET A 82 13.60 0.91 2.54
C MET A 82 14.93 1.48 2.08
N PHE A 83 15.07 1.73 0.79
CA PHE A 83 16.24 2.43 0.26
C PHE A 83 15.85 3.40 -0.86
N TYR A 84 16.76 4.29 -1.23
CA TYR A 84 16.57 5.17 -2.37
C TYR A 84 17.90 5.46 -3.06
N GLU A 85 17.84 5.99 -4.28
CA GLU A 85 19.04 6.36 -5.00
C GLU A 85 19.21 7.88 -5.16
N ASP A 86 20.41 8.38 -4.91
CA ASP A 86 20.78 9.76 -5.18
C ASP A 86 22.14 9.78 -5.87
N ASP A 87 22.22 10.46 -7.00
CA ASP A 87 23.37 10.35 -7.91
C ASP A 87 23.48 8.90 -8.34
N GLU A 88 24.63 8.27 -8.12
CA GLU A 88 24.77 6.86 -8.47
C GLU A 88 24.90 5.96 -7.24
N VAL A 89 24.46 6.48 -6.09
CA VAL A 89 24.65 5.81 -4.80
C VAL A 89 23.32 5.42 -4.12
N ILE A 90 23.30 4.25 -3.48
CA ILE A 90 22.11 3.78 -2.77
C ILE A 90 22.23 4.01 -1.26
N PHE A 91 21.19 4.61 -0.69
CA PHE A 91 21.15 4.93 0.75
C PHE A 91 19.97 4.27 1.42
N PRO A 92 20.09 3.99 2.72
CA PRO A 92 18.91 3.61 3.49
C PRO A 92 17.94 4.77 3.51
N SER A 93 16.65 4.47 3.50
CA SER A 93 15.62 5.50 3.53
C SER A 93 15.42 6.00 4.93
N GLY A 94 14.68 7.10 5.06
CA GLY A 94 14.31 7.60 6.37
C GLY A 94 13.48 6.59 7.14
N ARG A 95 12.66 5.80 6.45
CA ARG A 95 11.82 4.82 7.16
C ARG A 95 12.70 3.73 7.73
N THR A 96 13.71 3.35 6.96
CA THR A 96 14.64 2.33 7.43
C THR A 96 15.46 2.84 8.62
N ASN A 97 15.94 4.08 8.52
CA ASN A 97 16.74 4.67 9.59
C ASN A 97 15.98 4.65 10.92
N LYS A 98 14.71 5.02 10.86
CA LYS A 98 13.87 5.07 12.07
C LYS A 98 13.73 3.68 12.70
N TYR A 99 13.42 2.70 11.87
CA TYR A 99 13.30 1.31 12.28
C TYR A 99 14.59 0.75 12.89
N ILE A 100 15.73 1.11 12.29
CA ILE A 100 17.03 0.73 12.85
C ILE A 100 17.16 1.27 14.28
N GLU A 101 16.57 2.43 14.54
CA GLU A 101 16.70 3.06 15.85
C GLU A 101 15.65 2.60 16.87
N ASP A 102 14.43 2.26 16.43
CA ASP A 102 13.38 1.96 17.40
C ASP A 102 12.80 0.55 17.33
N SER A 103 13.12 -0.18 16.27
CA SER A 103 12.66 -1.55 16.11
C SER A 103 11.11 -1.62 16.17
N ASP A 104 10.45 -0.52 15.81
CA ASP A 104 9.00 -0.44 16.01
C ASP A 104 8.29 -0.84 14.71
N GLN A 105 7.84 -2.09 14.65
CA GLN A 105 7.22 -2.60 13.43
C GLN A 105 5.83 -1.99 13.16
N PRO A 106 4.95 -1.92 14.18
CA PRO A 106 3.69 -1.21 13.90
C PRO A 106 3.90 0.24 13.42
N ALA A 107 4.89 0.97 13.96
CA ALA A 107 5.19 2.32 13.46
C ALA A 107 5.64 2.31 11.98
N PHE A 108 6.44 1.31 11.64
CA PHE A 108 6.91 1.13 10.28
C PHE A 108 5.70 1.06 9.34
N PHE A 109 4.71 0.22 9.68
CA PHE A 109 3.57 0.05 8.78
C PHE A 109 2.52 1.16 8.89
N LYS A 110 2.47 1.84 10.04
N LYS A 110 2.49 1.84 10.03
CA LYS A 110 1.63 3.03 10.18
CA LYS A 110 1.65 3.03 10.21
C LYS A 110 2.11 4.10 9.20
C LYS A 110 2.12 4.14 9.26
N ASP A 111 3.44 4.25 9.10
CA ASP A 111 4.01 5.22 8.19
C ASP A 111 3.70 4.86 6.72
N ILE A 112 3.83 3.58 6.40
CA ILE A 112 3.45 3.10 5.07
C ILE A 112 1.98 3.41 4.74
N CYS A 113 1.09 3.13 5.68
CA CYS A 113 -0.33 3.40 5.46
C CYS A 113 -0.60 4.89 5.37
N PHE A 114 0.16 5.70 6.11
CA PHE A 114 -0.07 7.15 6.08
C PHE A 114 0.30 7.72 4.72
N LYS A 115 1.38 7.21 4.12
CA LYS A 115 1.91 7.79 2.90
C LYS A 115 1.39 7.13 1.63
N PHE A 116 0.84 5.92 1.74
CA PHE A 116 0.38 5.19 0.56
C PHE A 116 -0.69 5.98 -0.22
N GLN A 117 -0.68 5.84 -1.54
CA GLN A 117 -1.66 6.53 -2.35
C GLN A 117 -1.77 5.92 -3.75
N PHE A 118 -2.87 6.21 -4.42
CA PHE A 118 -3.02 5.94 -5.85
C PHE A 118 -3.24 7.27 -6.53
N PRO A 119 -2.57 7.51 -7.67
CA PRO A 119 -1.53 6.68 -8.30
C PRO A 119 -0.21 6.84 -7.55
N ASN A 120 0.79 6.03 -7.87
CA ASN A 120 2.07 6.09 -7.17
C ASN A 120 3.20 5.68 -8.09
N GLY A 121 4.45 5.73 -7.61
CA GLY A 121 5.61 5.38 -8.40
C GLY A 121 6.12 3.97 -8.14
N MET A 122 5.28 3.15 -7.54
CA MET A 122 5.64 1.75 -7.37
C MET A 122 5.29 0.95 -8.61
N ASP A 123 4.23 1.38 -9.29
CA ASP A 123 3.70 0.63 -10.41
C ASP A 123 4.57 0.75 -11.67
N LYS A 124 4.49 -0.24 -12.54
CA LYS A 124 5.09 -0.11 -13.88
C LYS A 124 4.49 1.09 -14.61
N LEU A 125 5.27 1.73 -15.48
CA LEU A 125 4.84 2.93 -16.18
C LEU A 125 3.49 2.77 -16.89
N ASP A 126 3.31 1.65 -17.60
CA ASP A 126 2.05 1.45 -18.30
C ASP A 126 0.88 1.38 -17.30
N LYS A 127 1.11 0.83 -16.11
CA LYS A 127 0.04 0.76 -15.13
C LYS A 127 -0.24 2.13 -14.53
N VAL A 128 0.82 2.92 -14.33
CA VAL A 128 0.70 4.32 -13.89
C VAL A 128 -0.20 5.12 -14.84
N ILE A 129 0.08 4.98 -16.14
CA ILE A 129 -0.67 5.66 -17.17
C ILE A 129 -2.14 5.26 -17.13
N GLU A 130 -2.43 3.97 -16.94
CA GLU A 130 -3.80 3.49 -16.77
C GLU A 130 -4.50 4.19 -15.62
N LYS A 131 -3.81 4.28 -14.48
CA LYS A 131 -4.46 4.78 -13.29
C LYS A 131 -4.64 6.30 -13.40
N VAL A 132 -3.64 6.97 -13.98
CA VAL A 132 -3.79 8.39 -14.30
C VAL A 132 -4.92 8.59 -15.32
N GLY A 133 -4.99 7.70 -16.31
CA GLY A 133 -6.01 7.77 -17.34
C GLY A 133 -7.41 7.69 -16.75
N ALA A 134 -7.57 6.88 -15.70
CA ALA A 134 -8.85 6.71 -15.02
C ALA A 134 -9.10 7.77 -13.94
N LYS A 135 -8.18 8.72 -13.84
CA LYS A 135 -8.28 9.84 -12.90
C LYS A 135 -8.38 9.36 -11.44
N ILE A 136 -7.69 8.27 -11.14
CA ILE A 136 -7.59 7.79 -9.77
C ILE A 136 -6.84 8.82 -8.93
N GLN A 137 -7.33 9.12 -7.74
CA GLN A 137 -6.59 9.92 -6.77
C GLN A 137 -7.20 9.78 -5.38
N ILE A 138 -6.48 9.06 -4.53
CA ILE A 138 -6.96 8.73 -3.20
C ILE A 138 -5.80 8.38 -2.29
N ARG A 139 -5.94 8.74 -1.01
CA ARG A 139 -5.14 8.16 0.05
C ARG A 139 -5.99 7.07 0.64
N GLN A 140 -5.74 5.82 0.25
CA GLN A 140 -6.74 4.78 0.53
C GLN A 140 -6.82 4.38 2.00
N PHE A 141 -5.73 4.49 2.74
CA PHE A 141 -5.78 4.07 4.14
C PHE A 141 -6.52 5.07 5.03
N PRO A 142 -6.25 6.38 4.88
CA PRO A 142 -7.16 7.34 5.52
C PRO A 142 -8.61 7.07 5.14
N TYR A 143 -8.85 6.76 3.86
CA TYR A 143 -10.22 6.56 3.41
C TYR A 143 -10.83 5.32 4.07
N ILE A 144 -10.10 4.20 4.06
CA ILE A 144 -10.60 2.97 4.67
C ILE A 144 -10.94 3.21 6.16
N LEU A 145 -10.04 3.89 6.86
CA LEU A 145 -10.24 4.15 8.27
C LEU A 145 -11.49 5.00 8.51
N GLN A 146 -11.72 6.02 7.69
CA GLN A 146 -12.91 6.84 7.87
C GLN A 146 -14.18 6.05 7.56
N VAL A 147 -14.12 5.14 6.59
CA VAL A 147 -15.26 4.29 6.28
C VAL A 147 -15.60 3.39 7.49
N LEU A 148 -14.57 2.80 8.10
CA LEU A 148 -14.76 1.97 9.29
C LEU A 148 -15.33 2.80 10.45
N LEU A 149 -14.83 4.03 10.62
CA LEU A 149 -15.33 4.91 11.67
C LEU A 149 -16.80 5.26 11.43
N THR A 150 -17.15 5.54 10.17
CA THR A 150 -18.52 5.93 9.84
C THR A 150 -19.47 4.73 9.97
N ALA A 151 -19.00 3.54 9.66
CA ALA A 151 -19.80 2.34 9.84
C ALA A 151 -20.14 2.14 11.32
N ASP A 152 -19.14 2.28 12.18
CA ASP A 152 -19.35 2.19 13.63
C ASP A 152 -20.33 3.25 14.10
N ASN A 153 -20.15 4.48 13.62
CA ASN A 153 -21.05 5.57 13.97
C ASN A 153 -22.50 5.26 13.58
N ASN A 154 -22.67 4.41 12.57
CA ASN A 154 -24.00 4.05 12.12
C ASN A 154 -24.39 2.63 12.53
N ASN A 155 -23.61 2.06 13.46
CA ASN A 155 -23.91 0.77 14.07
C ASN A 155 -23.96 -0.40 13.12
N ILE A 156 -23.10 -0.40 12.11
CA ILE A 156 -22.98 -1.58 11.28
C ILE A 156 -21.52 -2.00 11.21
N GLN A 157 -21.31 -3.27 10.87
CA GLN A 157 -19.96 -3.81 10.74
C GLN A 157 -19.72 -4.22 9.30
N LEU A 158 -18.52 -3.95 8.79
CA LEU A 158 -18.20 -4.23 7.40
C LEU A 158 -17.36 -5.49 7.25
N SER A 159 -17.59 -6.22 6.16
CA SER A 159 -16.77 -7.37 5.84
C SER A 159 -15.62 -6.97 4.92
N LYS A 160 -14.69 -7.91 4.72
CA LYS A 160 -13.60 -7.71 3.78
C LYS A 160 -14.16 -7.54 2.37
N ASP A 161 -15.21 -8.28 2.08
CA ASP A 161 -15.84 -8.19 0.76
C ASP A 161 -16.49 -6.82 0.57
N ASP A 162 -16.99 -6.23 1.67
CA ASP A 162 -17.53 -4.88 1.63
C ASP A 162 -16.45 -3.87 1.29
N ILE A 163 -15.31 -3.94 1.99
CA ILE A 163 -14.23 -3.01 1.71
C ILE A 163 -13.71 -3.24 0.29
N ALA A 164 -13.58 -4.50 -0.10
CA ALA A 164 -13.15 -4.83 -1.46
C ALA A 164 -14.05 -4.20 -2.53
N TYR A 165 -15.34 -4.49 -2.48
CA TYR A 165 -16.25 -4.10 -3.56
C TYR A 165 -16.59 -2.61 -3.53
N TYR A 166 -16.92 -2.12 -2.36
CA TYR A 166 -17.44 -0.76 -2.25
C TYR A 166 -16.35 0.31 -2.14
N VAL A 167 -15.16 -0.09 -1.73
CA VAL A 167 -14.08 0.88 -1.54
C VAL A 167 -12.90 0.63 -2.49
N LEU A 168 -12.14 -0.44 -2.26
CA LEU A 168 -10.83 -0.58 -2.90
C LEU A 168 -10.92 -1.03 -4.38
N ASN A 169 -12.11 -1.41 -4.83
CA ASN A 169 -12.30 -1.77 -6.23
C ASN A 169 -13.40 -0.94 -6.90
N SER A 170 -13.83 0.12 -6.21
CA SER A 170 -14.82 1.06 -6.74
C SER A 170 -14.13 2.23 -7.42
N LEU A 171 -14.41 2.42 -8.72
CA LEU A 171 -13.80 3.49 -9.49
C LEU A 171 -14.08 4.86 -8.89
N GLN A 172 -15.34 5.13 -8.57
CA GLN A 172 -15.72 6.43 -8.05
C GLN A 172 -15.04 6.71 -6.70
N VAL A 173 -14.99 5.73 -5.80
CA VAL A 173 -14.25 5.90 -4.55
C VAL A 173 -12.77 6.19 -4.84
N LEU A 174 -12.15 5.39 -5.70
CA LEU A 174 -10.72 5.55 -6.00
C LEU A 174 -10.43 6.89 -6.70
N GLN A 175 -11.46 7.47 -7.35
CA GLN A 175 -11.35 8.79 -7.96
C GLN A 175 -11.52 9.93 -6.96
N GLY A 176 -11.77 9.58 -5.70
CA GLY A 176 -11.93 10.57 -4.64
C GLY A 176 -13.21 11.37 -4.73
N LYS A 177 -14.23 10.80 -5.35
CA LYS A 177 -15.47 11.54 -5.58
C LYS A 177 -16.52 11.29 -4.50
N ILE A 178 -16.26 10.33 -3.60
CA ILE A 178 -17.32 9.77 -2.76
C ILE A 178 -17.08 9.94 -1.26
N LYS A 179 -18.08 10.42 -0.54
CA LYS A 179 -17.98 10.54 0.92
C LYS A 179 -18.22 9.19 1.58
N PRO A 180 -17.45 8.88 2.63
CA PRO A 180 -17.64 7.61 3.36
C PRO A 180 -19.10 7.33 3.79
N ILE A 181 -19.85 8.34 4.23
CA ILE A 181 -21.27 8.14 4.57
C ILE A 181 -22.07 7.68 3.32
N GLU A 182 -21.65 8.08 2.13
CA GLU A 182 -22.35 7.63 0.90
C GLU A 182 -22.18 6.13 0.74
N VAL A 183 -20.95 5.67 0.99
CA VAL A 183 -20.62 4.26 0.96
C VAL A 183 -21.44 3.52 2.01
N ILE A 184 -21.46 4.04 3.24
CA ILE A 184 -22.18 3.38 4.31
C ILE A 184 -23.69 3.26 4.03
N GLU A 185 -24.29 4.34 3.53
CA GLU A 185 -25.72 4.34 3.23
C GLU A 185 -26.06 3.39 2.07
N LYS A 186 -25.21 3.37 1.05
CA LYS A 186 -25.38 2.43 -0.05
C LYS A 186 -25.33 1.00 0.44
N ILE A 187 -24.37 0.70 1.31
CA ILE A 187 -24.23 -0.63 1.87
C ILE A 187 -25.48 -1.04 2.67
N ILE A 188 -25.95 -0.11 3.50
CA ILE A 188 -27.18 -0.36 4.25
C ILE A 188 -28.36 -0.56 3.28
N GLU A 189 -28.44 0.26 2.24
CA GLU A 189 -29.51 0.13 1.23
C GLU A 189 -29.48 -1.22 0.53
N ASP A 190 -28.28 -1.65 0.12
CA ASP A 190 -28.09 -2.94 -0.55
C ASP A 190 -28.45 -4.12 0.36
N ARG A 191 -28.04 -4.04 1.62
CA ARG A 191 -28.32 -5.10 2.60
C ARG A 191 -29.82 -5.27 2.87
N SER A 192 -30.56 -4.16 2.92
CA SER A 192 -32.01 -4.23 3.10
C SER A 192 -32.68 -4.96 1.94
N ASN A 193 -32.04 -4.90 0.78
CA ASN A 193 -32.57 -5.55 -0.42
C ASN A 193 -32.01 -6.95 -0.62
N ASP A 194 -31.36 -7.47 0.42
CA ASP A 194 -30.77 -8.81 0.42
C ASP A 194 -29.68 -8.95 -0.63
N ILE A 195 -28.89 -7.90 -0.80
CA ILE A 195 -27.85 -7.89 -1.81
C ILE A 195 -26.46 -7.88 -1.18
N THR A 196 -25.69 -8.93 -1.44
CA THR A 196 -24.31 -9.00 -0.97
C THR A 196 -23.35 -8.94 -2.16
N LYS A 197 -22.39 -8.04 -2.13
CA LYS A 197 -21.52 -7.82 -3.28
C LYS A 197 -20.10 -8.27 -3.02
N LYS A 198 -19.54 -8.98 -3.98
CA LYS A 198 -18.15 -9.44 -3.95
C LYS A 198 -17.44 -8.98 -5.21
N VAL A 199 -16.13 -8.79 -5.12
CA VAL A 199 -15.34 -8.48 -6.30
C VAL A 199 -15.14 -9.74 -7.15
N ARG A 200 -15.50 -9.65 -8.43
CA ARG A 200 -15.44 -10.80 -9.34
C ARG A 200 -14.81 -10.44 -10.69
N HIS A 201 -14.03 -11.35 -11.26
CA HIS A 201 -13.46 -11.18 -12.61
C HIS A 201 -13.64 -12.45 -13.40
N PRO A 202 -14.16 -12.34 -14.64
CA PRO A 202 -14.46 -13.60 -15.34
C PRO A 202 -13.21 -14.41 -15.69
N GLY A 203 -13.23 -15.70 -15.36
CA GLY A 203 -12.15 -16.60 -15.70
C GLY A 203 -10.90 -16.44 -14.84
N LYS A 204 -10.95 -15.60 -13.82
CA LYS A 204 -9.78 -15.32 -12.98
C LYS A 204 -9.84 -15.99 -11.62
N GLU A 205 -8.67 -16.31 -11.05
CA GLU A 205 -8.61 -16.88 -9.70
C GLU A 205 -8.75 -15.81 -8.64
N THR A 206 -9.13 -16.20 -7.43
CA THR A 206 -9.31 -15.27 -6.33
C THR A 206 -8.10 -14.35 -6.08
N SER A 207 -6.88 -14.86 -6.29
CA SER A 207 -5.71 -14.03 -6.01
C SER A 207 -5.66 -12.80 -6.91
N TYR A 208 -6.08 -12.98 -8.16
CA TYR A 208 -6.14 -11.87 -9.09
C TYR A 208 -7.10 -10.80 -8.56
N SER A 209 -8.28 -11.23 -8.14
CA SER A 209 -9.31 -10.31 -7.70
C SER A 209 -9.04 -9.69 -6.33
N MET A 210 -8.48 -10.46 -5.41
CA MET A 210 -8.53 -10.06 -4.01
C MET A 210 -7.19 -9.93 -3.30
N GLN A 211 -6.10 -10.47 -3.86
CA GLN A 211 -4.87 -10.53 -3.05
C GLN A 211 -4.34 -9.15 -2.64
N HIS A 212 -4.36 -8.21 -3.58
CA HIS A 212 -3.87 -6.86 -3.29
C HIS A 212 -4.81 -6.11 -2.35
N ILE A 213 -6.08 -6.51 -2.31
CA ILE A 213 -7.03 -5.91 -1.39
C ILE A 213 -6.86 -6.47 0.02
N ARG A 214 -6.76 -7.78 0.13
CA ARG A 214 -6.47 -8.42 1.40
C ARG A 214 -5.13 -7.94 1.96
N GLU A 215 -4.12 -7.81 1.11
CA GLU A 215 -2.82 -7.41 1.60
C GLU A 215 -2.78 -5.93 2.02
N GLN A 216 -3.60 -5.10 1.39
CA GLN A 216 -3.72 -3.73 1.88
C GLN A 216 -4.30 -3.75 3.32
N LEU A 217 -5.32 -4.57 3.55
CA LEU A 217 -5.86 -4.72 4.89
C LEU A 217 -4.80 -5.31 5.85
N ASN A 218 -4.02 -6.26 5.35
CA ASN A 218 -2.93 -6.81 6.17
C ASN A 218 -2.00 -5.72 6.72
N TYR A 219 -1.67 -4.71 5.91
CA TYR A 219 -0.72 -3.69 6.36
C TYR A 219 -1.39 -2.79 7.39
N LEU A 220 -2.71 -2.60 7.30
CA LEU A 220 -3.42 -1.89 8.38
C LEU A 220 -3.40 -2.67 9.66
N GLU A 221 -3.49 -4.00 9.55
CA GLU A 221 -3.42 -4.85 10.73
C GLU A 221 -2.02 -4.84 11.34
N LEU A 222 -1.01 -4.89 10.47
CA LEU A 222 0.38 -4.80 10.92
C LEU A 222 0.67 -3.47 11.58
N ALA A 223 -0.08 -2.45 11.18
CA ALA A 223 0.05 -1.14 11.80
C ALA A 223 -0.67 -1.07 13.14
N ASN A 224 -1.31 -2.18 13.53
CA ASN A 224 -2.12 -2.27 14.75
C ASN A 224 -3.37 -1.38 14.73
N LEU A 225 -3.85 -1.01 13.54
CA LEU A 225 -4.99 -0.09 13.47
C LEU A 225 -6.33 -0.81 13.32
N ILE A 226 -6.31 -2.02 12.76
CA ILE A 226 -7.52 -2.83 12.68
C ILE A 226 -7.30 -4.24 13.19
N ARG A 227 -8.40 -4.93 13.47
CA ARG A 227 -8.40 -6.37 13.66
C ARG A 227 -9.34 -7.00 12.64
N ILE A 228 -9.10 -8.26 12.31
CA ILE A 228 -9.98 -8.99 11.44
C ILE A 228 -10.63 -10.15 12.21
N ASP A 229 -11.94 -10.08 12.34
CA ASP A 229 -12.72 -11.04 13.12
C ASP A 229 -13.62 -11.83 12.18
N GLY A 230 -13.14 -12.98 11.74
CA GLY A 230 -13.83 -13.74 10.72
C GLY A 230 -13.78 -12.99 9.41
N ASN A 231 -14.93 -12.72 8.80
CA ASN A 231 -14.92 -11.94 7.57
C ASN A 231 -15.03 -10.45 7.86
N LEU A 232 -15.14 -10.09 9.14
CA LEU A 232 -15.37 -8.71 9.55
C LEU A 232 -14.08 -7.91 9.79
N VAL A 233 -14.12 -6.64 9.42
CA VAL A 233 -13.01 -5.73 9.71
C VAL A 233 -13.40 -4.77 10.83
N LYS A 234 -12.61 -4.74 11.89
CA LYS A 234 -12.92 -3.93 13.06
C LYS A 234 -11.77 -3.00 13.41
N LEU A 235 -12.08 -1.80 13.87
CA LEU A 235 -11.05 -0.85 14.32
C LEU A 235 -10.50 -1.26 15.67
N ASN A 236 -9.20 -1.07 15.86
CA ASN A 236 -8.60 -1.22 17.19
C ASN A 236 -8.64 0.09 17.97
N TYR A 237 -9.66 0.29 18.80
CA TYR A 237 -9.81 1.58 19.45
C TYR A 237 -8.78 1.82 20.56
N ARG A 238 -7.96 0.83 20.88
CA ARG A 238 -6.80 1.08 21.72
C ARG A 238 -5.87 2.06 21.00
N GLU A 239 -5.97 2.09 19.68
CA GLU A 239 -5.18 3.00 18.86
C GLU A 239 -6.02 4.14 18.30
N ALA A 240 -7.05 4.57 19.04
CA ALA A 240 -8.00 5.57 18.54
C ALA A 240 -7.30 6.86 18.08
N GLU A 241 -6.28 7.31 18.81
CA GLU A 241 -5.60 8.53 18.40
C GLU A 241 -4.91 8.37 17.06
N ASN A 242 -4.16 7.29 16.90
CA ASN A 242 -3.47 7.03 15.63
C ASN A 242 -4.45 6.80 14.50
N ILE A 243 -5.56 6.14 14.82
CA ILE A 243 -6.60 5.94 13.81
C ILE A 243 -7.10 7.30 13.30
N ASN A 244 -7.35 8.22 14.22
CA ASN A 244 -7.86 9.53 13.84
C ASN A 244 -6.82 10.38 13.13
N TYR A 245 -5.55 10.22 13.49
CA TYR A 245 -4.50 10.97 12.81
C TYR A 245 -4.45 10.63 11.32
N ILE A 246 -4.63 9.37 11.00
CA ILE A 246 -4.63 8.98 9.61
C ILE A 246 -5.99 9.23 8.94
N ALA A 247 -7.09 8.90 9.63
CA ALA A 247 -8.42 8.94 9.00
C ALA A 247 -8.79 10.35 8.55
N GLN A 248 -8.31 11.34 9.30
CA GLN A 248 -8.65 12.73 9.06
C GLN A 248 -8.28 13.20 7.64
N PHE A 249 -7.41 12.47 6.95
CA PHE A 249 -7.02 12.87 5.61
C PHE A 249 -7.82 12.13 4.52
N TRP A 250 -8.95 11.53 4.91
CA TRP A 250 -9.73 10.71 3.97
C TRP A 250 -10.12 11.50 2.72
N GLY A 251 -10.47 12.78 2.90
CA GLY A 251 -10.95 13.60 1.81
C GLY A 251 -9.88 14.43 1.13
N ASN A 252 -8.63 14.28 1.56
CA ASN A 252 -7.53 15.02 0.97
C ASN A 252 -7.09 14.41 -0.37
N LYS A 253 -6.76 15.27 -1.32
CA LYS A 253 -6.06 14.81 -2.53
C LYS A 253 -4.73 14.22 -2.10
N PRO A 254 -4.22 13.24 -2.88
CA PRO A 254 -2.90 12.65 -2.63
C PRO A 254 -1.86 13.73 -2.38
N GLU A 255 -0.94 13.49 -1.45
CA GLU A 255 0.10 14.46 -1.18
C GLU A 255 1.05 14.56 -2.37
N PHE A 256 1.33 13.43 -3.01
CA PHE A 256 2.18 13.39 -4.19
C PHE A 256 1.31 13.49 -5.45
N ASN A 257 1.56 14.52 -6.26
CA ASN A 257 0.76 14.78 -7.46
C ASN A 257 1.32 14.06 -8.70
N ALA A 258 0.74 12.91 -9.02
CA ALA A 258 1.10 12.18 -10.24
C ALA A 258 0.73 12.93 -11.51
N TYR A 259 -0.14 13.91 -11.40
CA TYR A 259 -0.73 14.51 -12.59
C TYR A 259 0.06 15.68 -13.15
N LYS A 260 1.21 15.99 -12.55
CA LYS A 260 2.01 17.11 -13.06
C LYS A 260 3.20 16.64 -13.90
N TYR A 261 3.24 15.34 -14.21
CA TYR A 261 4.32 14.79 -15.00
C TYR A 261 3.86 14.43 -16.40
N ASP A 262 4.69 14.75 -17.39
CA ASP A 262 4.42 14.34 -18.76
C ASP A 262 5.12 13.02 -19.03
N PHE A 263 4.35 11.94 -19.13
CA PHE A 263 4.96 10.63 -19.25
C PHE A 263 5.51 10.35 -20.65
N THR A 264 5.28 11.26 -21.58
CA THR A 264 5.90 11.16 -22.90
C THR A 264 7.33 11.72 -22.87
N SER A 265 7.71 12.31 -21.73
CA SER A 265 9.04 12.90 -21.57
C SER A 265 9.98 11.98 -20.81
N GLU A 266 11.17 11.73 -21.37
CA GLU A 266 12.13 10.86 -20.70
C GLU A 266 12.61 11.44 -19.38
N ASP A 267 12.72 12.76 -19.31
CA ASP A 267 13.15 13.40 -18.08
C ASP A 267 12.04 13.37 -17.02
N ASP A 268 10.82 13.68 -17.45
CA ASP A 268 9.68 13.68 -16.54
C ASP A 268 9.41 12.28 -16.01
N LYS A 269 9.70 11.27 -16.81
CA LYS A 269 9.50 9.89 -16.38
C LYS A 269 10.46 9.55 -15.25
N LYS A 270 11.72 9.91 -15.43
CA LYS A 270 12.74 9.64 -14.41
C LYS A 270 12.42 10.38 -13.12
N SER A 271 12.02 11.64 -13.25
CA SER A 271 11.68 12.46 -12.09
C SER A 271 10.50 11.87 -11.31
N PHE A 272 9.47 11.44 -12.04
CA PHE A 272 8.31 10.79 -11.43
C PHE A 272 8.72 9.71 -10.43
N PHE A 273 9.55 8.79 -10.89
CA PHE A 273 9.91 7.65 -10.06
C PHE A 273 10.86 8.07 -8.94
N LYS A 274 11.75 9.01 -9.24
CA LYS A 274 12.66 9.52 -8.22
C LYS A 274 11.91 10.34 -7.18
N ASP A 275 11.04 11.24 -7.63
CA ASP A 275 10.24 12.04 -6.72
C ASP A 275 9.30 11.19 -5.88
N TRP A 276 8.69 10.18 -6.49
CA TRP A 276 7.83 9.29 -5.73
C TRP A 276 8.59 8.68 -4.54
N GLN A 277 9.71 8.04 -4.83
CA GLN A 277 10.51 7.34 -3.82
C GLN A 277 10.95 8.26 -2.69
N GLN A 278 11.24 9.52 -3.04
CA GLN A 278 11.67 10.51 -2.06
C GLN A 278 10.51 10.83 -1.12
N TYR A 279 9.34 11.09 -1.69
CA TYR A 279 8.13 11.35 -0.92
C TYR A 279 7.80 10.17 0.02
N TYR A 280 7.80 8.98 -0.55
CA TYR A 280 7.28 7.80 0.13
C TYR A 280 8.20 7.24 1.22
N SER A 281 9.51 7.34 0.99
N SER A 281 9.51 7.34 1.01
CA SER A 281 10.48 6.61 1.81
CA SER A 281 10.47 6.61 1.82
C SER A 281 11.18 7.46 2.87
C SER A 281 11.19 7.46 2.87
N ASN A 282 11.16 8.78 2.69
CA ASN A 282 11.96 9.67 3.52
C ASN A 282 11.18 10.75 4.26
N VAL A 283 11.88 11.41 5.19
CA VAL A 283 11.26 12.44 6.02
C VAL A 283 11.07 13.73 5.21
#